data_3UWQ
#
_entry.id   3UWQ
#
_cell.length_a   52.140
_cell.length_b   96.944
_cell.length_c   104.082
_cell.angle_alpha   90.00
_cell.angle_beta   90.00
_cell.angle_gamma   90.00
#
_symmetry.space_group_name_H-M   'P 21 21 21'
#
loop_
_entity.id
_entity.type
_entity.pdbx_description
1 polymer "Orotidine 5'-phosphate decarboxylase"
2 non-polymer "URIDINE-5'-MONOPHOSPHATE"
3 non-polymer 3,6,9,12,15,18,21,24,27-NONAOXANONACOSANE-1,29-DIOL
4 non-polymer DI(HYDROXYETHYL)ETHER
5 non-polymer 'TRIETHYLENE GLYCOL'
6 non-polymer 2-AMINO-2-HYDROXYMETHYL-PROPANE-1,3-DIOL
7 water water
#
_entity_poly.entity_id   1
_entity_poly.type   'polypeptide(L)'
_entity_poly.pdbx_seq_one_letter_code
;MHHHHHHSSGVDLGTENLYFQSNAMNDPKVIVALDYDNLADALAFVDKIDPSTCRLKVGKEMFTLFGPDFVRELHKRGFS
VFLDLKFHDIPNTCSKAVKAAAELGVWMVNVHASGGERMMAASREILEPYGKERPLLIGVTVLTSMESADLQGIGILSAP
QDHVLRLATLTKNAGLDGVVCSAQEASLLKQHLGREFKLVTPGIRPAGSEQGDQRRIMTPAQAIASGSDYLVIGRPITQA
AHPEVVLEEINSSLV
;
_entity_poly.pdbx_strand_id   A,B
#
# COMPACT_ATOMS: atom_id res chain seq x y z
N ASN A 26 11.18 31.28 -6.69
CA ASN A 26 11.10 30.49 -5.43
C ASN A 26 10.32 29.19 -5.61
N ASP A 27 11.01 28.06 -5.45
CA ASP A 27 10.43 26.73 -5.58
C ASP A 27 9.37 26.50 -4.50
N PRO A 28 8.16 26.02 -4.89
CA PRO A 28 7.14 25.81 -3.84
C PRO A 28 7.46 24.68 -2.86
N LYS A 29 7.31 24.95 -1.57
CA LYS A 29 7.60 23.96 -0.53
C LYS A 29 6.36 23.23 -0.03
N VAL A 30 5.18 23.75 -0.34
CA VAL A 30 3.96 23.11 0.12
C VAL A 30 3.41 22.10 -0.88
N ILE A 31 3.01 20.94 -0.36
CA ILE A 31 2.40 19.87 -1.14
C ILE A 31 1.00 19.82 -0.54
N VAL A 32 -0.01 20.16 -1.34
CA VAL A 32 -1.39 20.16 -0.88
C VAL A 32 -2.02 18.78 -0.97
N ALA A 33 -2.53 18.29 0.16
CA ALA A 33 -3.15 16.98 0.22
C ALA A 33 -4.56 17.01 -0.38
N LEU A 34 -4.77 16.18 -1.40
CA LEU A 34 -6.07 16.09 -2.07
C LEU A 34 -6.72 14.81 -1.51
N ASP A 35 -7.57 15.00 -0.51
CA ASP A 35 -8.27 13.91 0.17
C ASP A 35 -9.77 14.04 -0.02
N TYR A 36 -10.20 14.08 -1.28
CA TYR A 36 -11.61 14.21 -1.65
C TYR A 36 -12.21 12.87 -2.05
N ASP A 37 -13.50 12.69 -1.80
CA ASP A 37 -14.16 11.44 -2.18
C ASP A 37 -14.95 11.65 -3.49
N ASN A 38 -14.80 12.81 -4.12
N ASN A 38 -14.79 12.84 -4.08
CA ASN A 38 -15.47 13.06 -5.39
CA ASN A 38 -15.47 13.24 -5.29
C ASN A 38 -14.53 13.92 -6.23
C ASN A 38 -14.54 14.00 -6.25
N LEU A 39 -14.45 13.54 -7.50
CA LEU A 39 -13.59 14.18 -8.49
C LEU A 39 -13.96 15.63 -8.79
N ALA A 40 -15.26 15.92 -8.91
CA ALA A 40 -15.71 17.29 -9.19
C ALA A 40 -15.19 18.30 -8.16
N ASP A 41 -15.30 17.96 -6.88
CA ASP A 41 -14.82 18.83 -5.81
C ASP A 41 -13.32 19.03 -5.88
N ALA A 42 -12.58 17.95 -6.11
CA ALA A 42 -11.13 18.03 -6.18
C ALA A 42 -10.68 18.92 -7.32
N LEU A 43 -11.26 18.73 -8.51
CA LEU A 43 -10.87 19.54 -9.67
C LEU A 43 -11.32 20.99 -9.53
N ALA A 44 -12.44 21.25 -8.87
CA ALA A 44 -12.92 22.62 -8.66
C ALA A 44 -11.86 23.35 -7.82
N PHE A 45 -11.26 22.64 -6.88
CA PHE A 45 -10.22 23.23 -6.04
C PHE A 45 -8.94 23.49 -6.84
N VAL A 46 -8.48 22.46 -7.55
CA VAL A 46 -7.25 22.57 -8.35
C VAL A 46 -7.34 23.67 -9.41
N ASP A 47 -8.55 23.92 -9.92
CA ASP A 47 -8.76 24.99 -10.91
C ASP A 47 -8.55 26.38 -10.32
N LYS A 48 -8.46 26.47 -9.00
CA LYS A 48 -8.33 27.78 -8.36
C LYS A 48 -7.00 28.05 -7.63
N ILE A 49 -6.00 27.22 -7.90
CA ILE A 49 -4.65 27.39 -7.33
C ILE A 49 -3.68 27.22 -8.49
N ASP A 50 -2.48 27.81 -8.37
CA ASP A 50 -1.48 27.76 -9.42
C ASP A 50 -0.31 26.84 -9.06
N PRO A 51 0.17 26.04 -10.04
CA PRO A 51 1.27 25.10 -9.78
C PRO A 51 2.60 25.77 -9.40
N SER A 52 2.72 27.09 -9.55
CA SER A 52 3.96 27.76 -9.16
C SER A 52 3.93 27.99 -7.64
N THR A 53 2.77 27.78 -7.01
CA THR A 53 2.64 28.02 -5.57
C THR A 53 2.56 26.77 -4.71
N CYS A 54 2.49 25.59 -5.34
CA CYS A 54 2.41 24.34 -4.58
C CYS A 54 2.42 23.13 -5.49
N ARG A 55 2.64 21.97 -4.88
CA ARG A 55 2.62 20.68 -5.55
C ARG A 55 1.37 20.00 -4.93
N LEU A 56 1.01 18.83 -5.42
CA LEU A 56 -0.18 18.12 -4.93
C LEU A 56 0.13 16.70 -4.49
N LYS A 57 -0.63 16.22 -3.51
CA LYS A 57 -0.47 14.86 -3.01
C LYS A 57 -1.74 14.05 -3.27
N VAL A 58 -1.56 12.91 -3.92
CA VAL A 58 -2.66 12.00 -4.22
C VAL A 58 -2.40 10.77 -3.37
N GLY A 59 -3.33 10.50 -2.46
CA GLY A 59 -3.24 9.35 -1.55
C GLY A 59 -4.07 8.15 -1.93
N LYS A 60 -4.08 7.17 -1.02
CA LYS A 60 -4.82 5.92 -1.20
C LYS A 60 -6.31 6.12 -1.47
N GLU A 61 -6.92 7.12 -0.85
CA GLU A 61 -8.34 7.35 -1.08
C GLU A 61 -8.65 7.76 -2.52
N MET A 62 -8.05 8.84 -2.99
CA MET A 62 -8.35 9.26 -4.34
C MET A 62 -7.80 8.33 -5.42
N PHE A 63 -6.68 7.67 -5.14
CA PHE A 63 -6.16 6.79 -6.17
C PHE A 63 -7.04 5.53 -6.30
N THR A 64 -7.53 5.01 -5.17
CA THR A 64 -8.40 3.82 -5.21
C THR A 64 -9.72 4.17 -5.92
N LEU A 65 -10.21 5.39 -5.71
CA LEU A 65 -11.43 5.83 -6.35
C LEU A 65 -11.30 6.26 -7.79
N PHE A 66 -10.23 6.98 -8.12
CA PHE A 66 -10.09 7.50 -9.48
C PHE A 66 -8.90 7.09 -10.34
N GLY A 67 -7.94 6.38 -9.75
CA GLY A 67 -6.79 5.88 -10.47
C GLY A 67 -5.80 6.81 -11.14
N PRO A 68 -4.96 6.23 -12.02
CA PRO A 68 -3.95 7.00 -12.71
C PRO A 68 -4.50 8.12 -13.59
N ASP A 69 -5.71 7.97 -14.12
CA ASP A 69 -6.28 9.04 -14.96
C ASP A 69 -6.40 10.35 -14.17
N PHE A 70 -6.65 10.26 -12.87
CA PHE A 70 -6.75 11.45 -12.03
C PHE A 70 -5.38 12.14 -11.95
N VAL A 71 -4.32 11.34 -11.77
CA VAL A 71 -2.97 11.88 -11.71
C VAL A 71 -2.66 12.55 -13.06
N ARG A 72 -3.07 11.92 -14.17
CA ARG A 72 -2.83 12.52 -15.49
C ARG A 72 -3.51 13.87 -15.66
N GLU A 73 -4.71 14.03 -15.07
N GLU A 73 -4.69 14.01 -15.04
CA GLU A 73 -5.43 15.31 -15.14
CA GLU A 73 -5.46 15.24 -15.10
C GLU A 73 -4.62 16.36 -14.41
C GLU A 73 -4.66 16.35 -14.40
N LEU A 74 -4.04 15.99 -13.27
CA LEU A 74 -3.24 16.93 -12.50
C LEU A 74 -2.01 17.32 -13.30
N HIS A 75 -1.39 16.34 -13.98
CA HIS A 75 -0.22 16.65 -14.78
C HIS A 75 -0.57 17.57 -15.95
N LYS A 76 -1.73 17.35 -16.58
CA LYS A 76 -2.17 18.18 -17.70
C LYS A 76 -2.35 19.65 -17.25
N ARG A 77 -2.71 19.83 -15.99
N ARG A 77 -2.68 19.84 -15.98
CA ARG A 77 -2.90 21.16 -15.39
CA ARG A 77 -2.89 21.17 -15.41
C ARG A 77 -1.58 21.80 -14.94
C ARG A 77 -1.58 21.82 -14.96
N GLY A 78 -0.46 21.11 -15.15
CA GLY A 78 0.86 21.62 -14.79
C GLY A 78 1.40 21.37 -13.40
N PHE A 79 0.69 20.55 -12.61
CA PHE A 79 1.11 20.25 -11.25
C PHE A 79 2.00 19.04 -11.13
N SER A 80 2.90 19.11 -10.15
CA SER A 80 3.80 18.01 -9.83
C SER A 80 3.05 17.26 -8.75
N VAL A 81 3.12 15.94 -8.80
CA VAL A 81 2.40 15.10 -7.87
C VAL A 81 3.23 14.13 -7.03
N PHE A 82 2.90 14.11 -5.74
CA PHE A 82 3.48 13.19 -4.76
C PHE A 82 2.42 12.09 -4.66
N LEU A 83 2.75 10.91 -5.19
CA LEU A 83 1.87 9.74 -5.19
C LEU A 83 2.17 9.01 -3.86
N ASP A 84 1.30 9.26 -2.89
CA ASP A 84 1.39 8.74 -1.53
C ASP A 84 0.62 7.43 -1.34
N LEU A 85 1.11 6.36 -1.96
CA LEU A 85 0.46 5.04 -1.87
C LEU A 85 1.13 4.09 -0.88
N LYS A 86 2.24 4.54 -0.30
CA LYS A 86 2.97 3.78 0.71
C LYS A 86 3.05 2.29 0.39
N PHE A 87 3.62 1.98 -0.78
CA PHE A 87 3.73 0.60 -1.20
C PHE A 87 4.48 -0.22 -0.15
N HIS A 88 3.98 -1.42 0.11
CA HIS A 88 4.57 -2.30 1.10
C HIS A 88 4.25 -3.73 0.69
N ASP A 89 5.20 -4.36 0.00
CA ASP A 89 4.96 -5.71 -0.48
C ASP A 89 6.30 -6.39 -0.73
N ILE A 90 6.27 -7.60 -1.29
CA ILE A 90 7.51 -8.32 -1.59
C ILE A 90 8.30 -7.45 -2.56
N PRO A 91 9.64 -7.56 -2.57
CA PRO A 91 10.44 -6.73 -3.46
C PRO A 91 10.03 -6.72 -4.94
N ASN A 92 9.71 -7.86 -5.51
CA ASN A 92 9.33 -7.88 -6.93
C ASN A 92 8.11 -7.02 -7.19
N THR A 93 7.08 -7.18 -6.36
CA THR A 93 5.83 -6.44 -6.51
C THR A 93 5.96 -4.95 -6.17
N CYS A 94 6.64 -4.64 -5.08
CA CYS A 94 6.80 -3.26 -4.69
C CYS A 94 7.59 -2.52 -5.79
N SER A 95 8.60 -3.19 -6.36
N SER A 95 8.69 -3.13 -6.25
CA SER A 95 9.40 -2.57 -7.42
CA SER A 95 9.53 -2.51 -7.29
C SER A 95 8.54 -2.37 -8.68
C SER A 95 8.71 -2.18 -8.53
N LYS A 96 7.69 -3.34 -9.03
N LYS A 96 7.89 -3.15 -8.94
CA LYS A 96 6.85 -3.16 -10.21
CA LYS A 96 7.01 -3.00 -10.11
C LYS A 96 5.82 -2.05 -9.98
C LYS A 96 5.99 -1.90 -9.94
N ALA A 97 5.44 -1.77 -8.72
CA ALA A 97 4.46 -0.72 -8.43
C ALA A 97 5.18 0.63 -8.57
N VAL A 98 6.42 0.71 -8.08
CA VAL A 98 7.23 1.91 -8.18
C VAL A 98 7.52 2.19 -9.67
N LYS A 99 7.77 1.12 -10.44
CA LYS A 99 8.04 1.28 -11.87
C LYS A 99 6.77 1.86 -12.52
N ALA A 100 5.61 1.37 -12.09
CA ALA A 100 4.34 1.86 -12.63
C ALA A 100 4.20 3.37 -12.34
N ALA A 101 4.66 3.80 -11.17
CA ALA A 101 4.61 5.21 -10.79
C ALA A 101 5.51 6.00 -11.74
N ALA A 102 6.65 5.43 -12.12
CA ALA A 102 7.60 6.07 -13.04
C ALA A 102 6.94 6.19 -14.43
N GLU A 103 6.18 5.16 -14.81
CA GLU A 103 5.46 5.16 -16.10
C GLU A 103 4.42 6.27 -16.13
N LEU A 104 3.87 6.61 -14.96
CA LEU A 104 2.88 7.65 -14.85
C LEU A 104 3.54 9.04 -14.86
N GLY A 105 4.86 9.08 -14.66
CA GLY A 105 5.64 10.33 -14.66
C GLY A 105 5.51 11.19 -13.41
N VAL A 106 5.20 10.58 -12.27
CA VAL A 106 5.03 11.34 -11.03
C VAL A 106 6.35 11.87 -10.49
N TRP A 107 6.25 12.98 -9.78
CA TRP A 107 7.39 13.66 -9.19
C TRP A 107 7.98 12.94 -7.97
N MET A 108 7.12 12.29 -7.20
CA MET A 108 7.56 11.59 -6.00
C MET A 108 6.61 10.44 -5.67
N VAL A 109 7.16 9.37 -5.11
CA VAL A 109 6.34 8.21 -4.73
C VAL A 109 6.98 7.64 -3.48
N ASN A 110 6.18 7.01 -2.62
CA ASN A 110 6.72 6.45 -1.38
C ASN A 110 6.43 4.97 -1.14
N VAL A 111 7.22 4.40 -0.25
CA VAL A 111 7.12 3.00 0.16
C VAL A 111 7.36 2.93 1.65
N HIS A 112 6.88 1.85 2.28
CA HIS A 112 7.11 1.67 3.70
C HIS A 112 8.50 1.13 3.97
N ALA A 113 9.24 1.79 4.87
CA ALA A 113 10.57 1.34 5.23
C ALA A 113 10.45 -0.01 5.97
N SER A 114 9.30 -0.25 6.60
N SER A 114 9.31 -0.25 6.62
CA SER A 114 9.06 -1.51 7.31
CA SER A 114 9.12 -1.52 7.33
C SER A 114 9.04 -2.69 6.34
C SER A 114 9.05 -2.69 6.35
N GLY A 115 8.98 -2.41 5.05
CA GLY A 115 8.96 -3.44 4.02
C GLY A 115 10.37 -4.05 3.94
N GLY A 116 11.36 -3.36 4.51
CA GLY A 116 12.73 -3.86 4.52
C GLY A 116 13.69 -3.27 3.52
N GLU A 117 14.97 -3.45 3.82
CA GLU A 117 16.04 -2.93 2.97
C GLU A 117 16.02 -3.51 1.55
N ARG A 118 15.77 -4.81 1.41
CA ARG A 118 15.75 -5.42 0.08
C ARG A 118 14.61 -4.90 -0.79
N MET A 119 13.43 -4.72 -0.18
CA MET A 119 12.28 -4.20 -0.92
C MET A 119 12.59 -2.79 -1.42
N MET A 120 13.12 -1.96 -0.52
CA MET A 120 13.48 -0.59 -0.87
C MET A 120 14.57 -0.51 -1.94
N ALA A 121 15.62 -1.30 -1.78
CA ALA A 121 16.74 -1.33 -2.74
C ALA A 121 16.26 -1.75 -4.13
N ALA A 122 15.38 -2.75 -4.18
CA ALA A 122 14.85 -3.23 -5.45
C ALA A 122 14.04 -2.13 -6.13
N SER A 123 13.28 -1.38 -5.35
CA SER A 123 12.45 -0.29 -5.87
C SER A 123 13.31 0.84 -6.44
N ARG A 124 14.46 1.10 -5.80
CA ARG A 124 15.34 2.14 -6.29
C ARG A 124 16.05 1.65 -7.57
N GLU A 125 16.46 0.38 -7.58
N GLU A 125 16.46 0.38 -7.58
CA GLU A 125 17.15 -0.20 -8.73
CA GLU A 125 17.15 -0.18 -8.76
C GLU A 125 16.30 -0.25 -10.02
C GLU A 125 16.31 -0.23 -10.02
N ILE A 126 15.01 -0.50 -9.88
CA ILE A 126 14.13 -0.60 -11.06
C ILE A 126 13.94 0.77 -11.75
N LEU A 127 14.24 1.85 -11.02
CA LEU A 127 14.14 3.21 -11.55
C LEU A 127 15.35 3.69 -12.38
N GLU A 128 16.47 2.97 -12.31
N GLU A 128 16.46 2.96 -12.31
CA GLU A 128 17.67 3.35 -13.07
CA GLU A 128 17.66 3.34 -13.05
C GLU A 128 17.48 3.63 -14.57
C GLU A 128 17.48 3.62 -14.56
N PRO A 129 16.70 2.79 -15.28
CA PRO A 129 16.50 3.05 -16.71
C PRO A 129 15.80 4.38 -17.04
N TYR A 130 15.09 4.96 -16.08
CA TYR A 130 14.38 6.24 -16.28
C TYR A 130 15.31 7.44 -16.15
N GLY A 131 16.53 7.23 -15.68
CA GLY A 131 17.48 8.32 -15.53
C GLY A 131 16.91 9.42 -14.65
N LYS A 132 17.14 10.68 -15.05
CA LYS A 132 16.64 11.80 -14.25
C LYS A 132 15.12 11.95 -14.25
N GLU A 133 14.42 11.27 -15.15
CA GLU A 133 12.95 11.35 -15.18
C GLU A 133 12.29 10.40 -14.16
N ARG A 134 13.10 9.69 -13.39
CA ARG A 134 12.52 8.80 -12.40
C ARG A 134 11.88 9.65 -11.30
N PRO A 135 10.89 9.11 -10.60
CA PRO A 135 10.38 9.93 -9.51
C PRO A 135 11.33 9.85 -8.32
N LEU A 136 11.19 10.80 -7.40
CA LEU A 136 11.95 10.79 -6.17
C LEU A 136 11.28 9.63 -5.44
N LEU A 137 12.07 8.84 -4.70
CA LEU A 137 11.58 7.68 -3.98
C LEU A 137 11.86 7.90 -2.51
N ILE A 138 10.77 8.00 -1.73
N ILE A 138 10.81 8.00 -1.69
CA ILE A 138 10.79 8.28 -0.30
CA ILE A 138 11.04 8.21 -0.26
C ILE A 138 10.25 7.18 0.62
C ILE A 138 10.38 7.12 0.57
N GLY A 139 10.88 6.98 1.78
CA GLY A 139 10.39 5.98 2.70
C GLY A 139 9.51 6.51 3.81
N VAL A 140 8.54 5.69 4.22
CA VAL A 140 7.65 6.03 5.34
C VAL A 140 8.27 5.30 6.52
N THR A 141 8.41 5.97 7.66
CA THR A 141 9.00 5.33 8.84
C THR A 141 7.91 4.83 9.78
N VAL A 142 7.57 5.63 10.79
CA VAL A 142 6.53 5.26 11.75
C VAL A 142 5.38 6.24 11.54
N LEU A 143 4.21 5.70 11.20
CA LEU A 143 3.02 6.52 10.96
C LEU A 143 2.72 7.36 12.21
N THR A 144 2.20 8.57 12.02
CA THR A 144 1.88 9.48 13.13
C THR A 144 0.86 8.93 14.11
N SER A 145 0.02 8.03 13.61
CA SER A 145 -1.01 7.40 14.42
C SER A 145 -0.47 6.34 15.39
N MET A 146 0.83 6.07 15.33
CA MET A 146 1.42 5.05 16.18
C MET A 146 2.21 5.57 17.40
N GLU A 147 1.65 5.35 18.58
CA GLU A 147 2.30 5.75 19.83
C GLU A 147 2.85 4.44 20.39
N SER A 148 3.49 4.48 21.56
CA SER A 148 4.06 3.25 22.15
C SER A 148 3.12 2.04 22.25
N ALA A 149 1.88 2.25 22.68
CA ALA A 149 0.92 1.15 22.80
C ALA A 149 0.64 0.48 21.46
N ASP A 150 0.52 1.30 20.42
CA ASP A 150 0.26 0.81 19.06
C ASP A 150 1.45 0.01 18.55
N LEU A 151 2.66 0.51 18.80
CA LEU A 151 3.88 -0.18 18.38
C LEU A 151 4.07 -1.50 19.11
N GLN A 152 3.80 -1.51 20.42
CA GLN A 152 3.94 -2.74 21.21
C GLN A 152 2.99 -3.79 20.64
N GLY A 153 1.82 -3.34 20.21
CA GLY A 153 0.80 -4.24 19.63
C GLY A 153 1.33 -4.93 18.38
N ILE A 154 2.19 -4.25 17.61
CA ILE A 154 2.75 -4.84 16.39
C ILE A 154 4.15 -5.43 16.61
N GLY A 155 4.52 -5.69 17.86
CA GLY A 155 5.82 -6.28 18.18
C GLY A 155 7.05 -5.40 18.24
N ILE A 156 6.88 -4.08 18.25
CA ILE A 156 8.01 -3.14 18.33
C ILE A 156 8.07 -2.56 19.75
N LEU A 157 9.14 -2.88 20.47
CA LEU A 157 9.32 -2.40 21.85
C LEU A 157 10.18 -1.15 21.99
N SER A 158 10.90 -0.78 20.93
N SER A 158 10.88 -0.77 20.93
CA SER A 158 11.76 0.39 20.97
CA SER A 158 11.74 0.40 20.94
C SER A 158 10.91 1.67 21.01
C SER A 158 10.90 1.67 21.01
N ALA A 159 11.48 2.74 21.56
CA ALA A 159 10.78 4.01 21.66
C ALA A 159 10.53 4.47 20.23
N PRO A 160 9.34 5.03 19.96
CA PRO A 160 9.01 5.48 18.59
C PRO A 160 10.10 6.34 17.94
N GLN A 161 10.71 7.23 18.72
CA GLN A 161 11.77 8.12 18.19
C GLN A 161 12.97 7.31 17.69
N ASP A 162 13.34 6.27 18.45
CA ASP A 162 14.46 5.42 18.09
C ASP A 162 14.13 4.56 16.87
N HIS A 163 12.89 4.10 16.79
CA HIS A 163 12.45 3.28 15.67
C HIS A 163 12.44 4.12 14.38
N VAL A 164 12.08 5.39 14.49
CA VAL A 164 12.08 6.28 13.34
C VAL A 164 13.51 6.41 12.79
N LEU A 165 14.48 6.63 13.68
CA LEU A 165 15.87 6.76 13.24
C LEU A 165 16.35 5.46 12.59
N ARG A 166 15.98 4.32 13.16
CA ARG A 166 16.38 3.04 12.60
C ARG A 166 15.86 2.90 11.19
N LEU A 167 14.55 3.14 11.01
CA LEU A 167 13.94 3.02 9.69
C LEU A 167 14.43 4.05 8.67
N ALA A 168 14.69 5.28 9.12
CA ALA A 168 15.18 6.33 8.23
C ALA A 168 16.58 5.97 7.76
N THR A 169 17.38 5.42 8.67
CA THR A 169 18.76 5.02 8.34
C THR A 169 18.72 3.87 7.32
N LEU A 170 17.78 2.93 7.52
CA LEU A 170 17.63 1.78 6.63
C LEU A 170 17.27 2.29 5.22
N THR A 171 16.41 3.29 5.17
CA THR A 171 15.96 3.92 3.92
C THR A 171 17.16 4.56 3.21
N LYS A 172 17.98 5.31 3.94
CA LYS A 172 19.14 5.92 3.29
C LYS A 172 20.12 4.85 2.79
N ASN A 173 20.34 3.81 3.60
CA ASN A 173 21.24 2.73 3.22
C ASN A 173 20.75 1.93 2.01
N ALA A 174 19.44 1.93 1.79
CA ALA A 174 18.82 1.23 0.67
C ALA A 174 18.94 2.07 -0.62
N GLY A 175 19.42 3.31 -0.50
CA GLY A 175 19.61 4.17 -1.65
C GLY A 175 18.49 5.11 -1.96
N LEU A 176 17.53 5.26 -1.05
CA LEU A 176 16.41 6.17 -1.27
C LEU A 176 16.75 7.65 -1.10
N ASP A 177 15.85 8.50 -1.60
CA ASP A 177 16.05 9.93 -1.58
C ASP A 177 15.72 10.67 -0.30
N GLY A 178 14.91 10.07 0.56
CA GLY A 178 14.52 10.70 1.80
C GLY A 178 13.40 9.94 2.48
N VAL A 179 12.76 10.58 3.46
CA VAL A 179 11.66 9.98 4.20
C VAL A 179 10.63 11.00 4.58
N VAL A 180 9.47 10.50 4.97
CA VAL A 180 8.38 11.32 5.46
C VAL A 180 8.69 11.39 6.96
N CYS A 181 8.62 12.57 7.57
CA CYS A 181 8.89 12.66 9.01
C CYS A 181 8.13 13.82 9.61
N SER A 182 7.99 13.81 10.94
CA SER A 182 7.30 14.89 11.61
C SER A 182 8.28 16.06 11.75
N ALA A 183 7.74 17.24 12.00
CA ALA A 183 8.55 18.43 12.17
C ALA A 183 9.50 18.26 13.37
N GLN A 184 9.03 17.57 14.40
CA GLN A 184 9.83 17.34 15.61
C GLN A 184 11.05 16.46 15.36
N GLU A 185 10.91 15.51 14.44
CA GLU A 185 11.96 14.56 14.06
C GLU A 185 12.97 15.10 13.06
N ALA A 186 12.56 16.11 12.30
CA ALA A 186 13.38 16.69 11.24
C ALA A 186 14.82 17.05 11.49
N SER A 187 15.09 17.87 12.49
CA SER A 187 16.46 18.29 12.74
C SER A 187 17.40 17.14 13.09
N LEU A 188 16.92 16.18 13.88
N LEU A 188 16.90 16.19 13.87
CA LEU A 188 17.74 15.05 14.26
CA LEU A 188 17.67 15.03 14.28
C LEU A 188 18.01 14.18 13.04
C LEU A 188 18.00 14.17 13.05
N LEU A 189 17.01 13.98 12.17
CA LEU A 189 17.24 13.17 10.96
C LEU A 189 18.28 13.86 10.06
N LYS A 190 18.20 15.19 9.94
CA LYS A 190 19.20 15.93 9.12
C LYS A 190 20.58 15.80 9.72
N GLN A 191 20.67 15.87 11.06
CA GLN A 191 21.96 15.75 11.73
C GLN A 191 22.60 14.39 11.44
N HIS A 192 21.81 13.33 11.51
CA HIS A 192 22.31 11.98 11.27
C HIS A 192 22.43 11.52 9.83
N LEU A 193 21.49 11.94 8.98
CA LEU A 193 21.45 11.50 7.60
C LEU A 193 21.88 12.46 6.49
N GLY A 194 22.10 13.72 6.84
CA GLY A 194 22.57 14.72 5.88
C GLY A 194 21.54 15.64 5.25
N ARG A 195 22.02 16.80 4.83
N ARG A 195 21.99 16.83 4.84
CA ARG A 195 21.20 17.81 4.20
CA ARG A 195 21.10 17.79 4.20
C ARG A 195 20.59 17.28 2.90
C ARG A 195 20.54 17.22 2.91
N GLU A 196 21.32 16.40 2.21
CA GLU A 196 20.85 15.83 0.96
C GLU A 196 19.73 14.79 1.08
N PHE A 197 19.43 14.33 2.30
CA PHE A 197 18.37 13.33 2.50
C PHE A 197 17.07 14.13 2.73
N LYS A 198 16.19 14.09 1.73
CA LYS A 198 14.95 14.83 1.76
C LYS A 198 13.97 14.45 2.86
N LEU A 199 13.38 15.46 3.47
CA LEU A 199 12.38 15.26 4.52
C LEU A 199 11.07 15.88 4.08
N VAL A 200 10.01 15.06 4.04
CA VAL A 200 8.66 15.46 3.64
C VAL A 200 7.88 15.42 4.94
N THR A 201 7.33 16.58 5.33
CA THR A 201 6.63 16.70 6.61
C THR A 201 5.18 17.11 6.66
N PRO A 202 4.30 16.20 7.11
CA PRO A 202 2.89 16.50 7.27
C PRO A 202 2.67 16.96 8.72
N GLY A 203 1.46 17.38 9.04
CA GLY A 203 1.10 17.84 10.40
C GLY A 203 1.65 19.23 10.68
N ILE A 204 1.34 20.15 9.79
CA ILE A 204 1.80 21.53 9.86
C ILE A 204 0.60 22.47 9.86
N ARG A 205 0.67 23.52 10.66
CA ARG A 205 -0.40 24.51 10.75
C ARG A 205 0.11 25.94 10.72
N PRO A 206 -0.47 26.77 9.84
CA PRO A 206 -0.06 28.18 9.75
C PRO A 206 -0.25 28.87 11.10
N ALA A 207 0.59 29.85 11.39
CA ALA A 207 0.49 30.60 12.63
C ALA A 207 -0.65 31.60 12.51
N ARG A 215 0.67 26.13 19.91
CA ARG A 215 2.11 26.33 19.71
C ARG A 215 2.90 25.01 19.67
N ARG A 216 2.23 23.89 19.98
CA ARG A 216 2.86 22.57 19.95
C ARG A 216 3.01 22.05 18.52
N ILE A 217 2.10 22.48 17.64
CA ILE A 217 2.13 22.08 16.23
C ILE A 217 3.01 23.11 15.57
N MET A 218 4.11 22.69 14.92
N MET A 218 4.07 22.67 14.91
CA MET A 218 4.97 23.67 14.27
CA MET A 218 5.00 23.58 14.25
C MET A 218 4.32 24.33 13.09
C MET A 218 4.39 24.27 13.02
N THR A 219 4.80 25.53 12.83
CA THR A 219 4.33 26.33 11.72
C THR A 219 5.20 25.96 10.51
N PRO A 220 4.78 26.37 9.31
CA PRO A 220 5.58 26.09 8.14
C PRO A 220 7.02 26.60 8.30
N ALA A 221 7.18 27.84 8.76
CA ALA A 221 8.52 28.44 8.95
C ALA A 221 9.36 27.65 9.95
N GLN A 222 8.75 27.19 11.04
CA GLN A 222 9.45 26.40 12.06
C GLN A 222 9.94 25.05 11.54
N ALA A 223 9.09 24.40 10.72
CA ALA A 223 9.41 23.10 10.14
C ALA A 223 10.52 23.23 9.09
N ILE A 224 10.39 24.21 8.20
CA ILE A 224 11.41 24.42 7.16
C ILE A 224 12.76 24.71 7.82
N ALA A 225 12.76 25.56 8.84
CA ALA A 225 13.99 25.91 9.55
C ALA A 225 14.62 24.68 10.20
N SER A 226 13.78 23.74 10.66
CA SER A 226 14.23 22.51 11.30
C SER A 226 14.85 21.50 10.33
N GLY A 227 14.58 21.66 9.04
CA GLY A 227 15.12 20.75 8.04
C GLY A 227 14.10 20.20 7.07
N SER A 228 12.81 20.42 7.32
CA SER A 228 11.82 19.91 6.38
C SER A 228 12.10 20.51 5.00
N ASP A 229 12.07 19.66 3.97
CA ASP A 229 12.27 20.09 2.60
C ASP A 229 10.94 20.42 1.95
N TYR A 230 9.88 19.71 2.36
CA TYR A 230 8.52 19.93 1.86
C TYR A 230 7.55 19.82 3.01
N LEU A 231 6.44 20.53 2.87
CA LEU A 231 5.41 20.54 3.88
C LEU A 231 4.11 20.02 3.29
N VAL A 232 3.55 18.96 3.87
CA VAL A 232 2.29 18.40 3.38
C VAL A 232 1.19 19.05 4.22
N ILE A 233 0.32 19.83 3.57
CA ILE A 233 -0.77 20.54 4.24
C ILE A 233 -2.04 20.30 3.47
N GLY A 234 -3.11 19.92 4.16
CA GLY A 234 -4.38 19.65 3.50
C GLY A 234 -5.48 20.62 3.88
N ARG A 235 -6.24 20.24 4.90
CA ARG A 235 -7.38 21.03 5.39
C ARG A 235 -7.22 22.56 5.53
N PRO A 236 -6.08 23.04 6.05
CA PRO A 236 -5.97 24.51 6.14
C PRO A 236 -6.10 25.20 4.77
N ILE A 237 -5.76 24.50 3.71
CA ILE A 237 -5.83 25.04 2.37
C ILE A 237 -7.09 24.60 1.62
N THR A 238 -7.40 23.31 1.66
CA THR A 238 -8.58 22.79 0.95
C THR A 238 -9.92 23.22 1.54
N GLN A 239 -9.95 23.61 2.80
CA GLN A 239 -11.18 24.08 3.43
C GLN A 239 -11.27 25.60 3.43
N ALA A 240 -10.24 26.27 2.91
CA ALA A 240 -10.23 27.73 2.89
C ALA A 240 -11.08 28.33 1.78
N ALA A 241 -11.70 29.47 2.07
CA ALA A 241 -12.52 30.17 1.10
C ALA A 241 -11.59 30.82 0.08
N HIS A 242 -10.38 31.18 0.53
CA HIS A 242 -9.36 31.83 -0.30
C HIS A 242 -8.05 31.05 -0.23
N PRO A 243 -8.00 29.86 -0.87
CA PRO A 243 -6.77 29.04 -0.82
C PRO A 243 -5.53 29.75 -1.33
N GLU A 244 -5.66 30.62 -2.34
CA GLU A 244 -4.49 31.34 -2.86
C GLU A 244 -3.89 32.27 -1.83
N VAL A 245 -4.74 32.89 -1.00
CA VAL A 245 -4.27 33.80 0.03
C VAL A 245 -3.55 32.99 1.10
N VAL A 246 -4.13 31.86 1.50
CA VAL A 246 -3.53 31.00 2.51
C VAL A 246 -2.15 30.57 2.02
N LEU A 247 -2.05 30.12 0.77
CA LEU A 247 -0.77 29.70 0.20
C LEU A 247 0.26 30.83 0.16
N GLU A 248 -0.17 32.04 -0.21
N GLU A 248 -0.19 32.04 -0.19
CA GLU A 248 0.74 33.19 -0.25
CA GLU A 248 0.69 33.21 -0.26
C GLU A 248 1.24 33.53 1.14
C GLU A 248 1.23 33.56 1.13
N GLU A 249 0.36 33.47 2.14
CA GLU A 249 0.74 33.76 3.53
C GLU A 249 1.77 32.74 3.98
N ILE A 250 1.56 31.47 3.63
CA ILE A 250 2.50 30.40 3.99
C ILE A 250 3.83 30.62 3.28
N ASN A 251 3.77 30.75 1.96
CA ASN A 251 4.97 30.97 1.16
C ASN A 251 5.78 32.20 1.54
N SER A 252 5.10 33.30 1.82
N SER A 252 5.10 33.30 1.82
CA SER A 252 5.77 34.54 2.21
CA SER A 252 5.78 34.54 2.20
C SER A 252 6.41 34.46 3.60
C SER A 252 6.41 34.46 3.60
N SER A 253 5.97 33.51 4.42
CA SER A 253 6.53 33.36 5.77
C SER A 253 7.82 32.54 5.76
N LEU A 254 8.18 31.96 4.61
CA LEU A 254 9.39 31.14 4.52
C LEU A 254 10.65 31.93 4.11
N ASP B 27 -18.45 -21.73 -4.70
CA ASP B 27 -17.32 -21.04 -4.02
C ASP B 27 -16.00 -21.53 -4.62
N PRO B 28 -15.58 -20.95 -5.75
CA PRO B 28 -14.31 -21.39 -6.32
C PRO B 28 -13.21 -21.07 -5.33
N LYS B 29 -12.30 -22.02 -5.12
CA LYS B 29 -11.20 -21.83 -4.17
C LYS B 29 -9.96 -21.15 -4.76
N VAL B 30 -9.82 -21.16 -6.07
CA VAL B 30 -8.64 -20.56 -6.71
C VAL B 30 -8.85 -19.11 -7.11
N ILE B 31 -7.88 -18.26 -6.72
CA ILE B 31 -7.88 -16.84 -7.04
C ILE B 31 -6.67 -16.71 -7.96
N VAL B 32 -6.90 -16.39 -9.23
CA VAL B 32 -5.81 -16.26 -10.19
C VAL B 32 -5.17 -14.88 -10.14
N ALA B 33 -3.85 -14.85 -9.94
CA ALA B 33 -3.11 -13.60 -9.87
C ALA B 33 -2.85 -12.99 -11.24
N LEU B 34 -3.31 -11.74 -11.42
CA LEU B 34 -3.12 -11.03 -12.67
C LEU B 34 -1.98 -10.04 -12.41
N ASP B 35 -0.79 -10.39 -12.86
CA ASP B 35 0.41 -9.56 -12.68
C ASP B 35 1.00 -9.19 -14.04
N TYR B 36 0.19 -8.54 -14.88
CA TYR B 36 0.61 -8.12 -16.21
C TYR B 36 0.95 -6.63 -16.26
N ASP B 37 1.86 -6.24 -17.15
N ASP B 37 1.90 -6.26 -17.13
CA ASP B 37 2.23 -4.82 -17.28
CA ASP B 37 2.30 -4.86 -17.28
C ASP B 37 1.62 -4.31 -18.59
C ASP B 37 1.55 -4.22 -18.45
N ASN B 38 0.67 -5.06 -19.11
N ASN B 38 0.76 -5.03 -19.14
CA ASN B 38 -0.02 -4.74 -20.36
CA ASN B 38 -0.03 -4.52 -20.27
C ASN B 38 -1.49 -5.14 -20.28
C ASN B 38 -1.45 -5.06 -20.18
N LEU B 39 -2.39 -4.18 -20.47
CA LEU B 39 -3.82 -4.45 -20.42
C LEU B 39 -4.28 -5.49 -21.44
N ALA B 40 -3.77 -5.41 -22.66
CA ALA B 40 -4.15 -6.33 -23.73
C ALA B 40 -3.89 -7.80 -23.36
N ASP B 41 -2.70 -8.09 -22.84
CA ASP B 41 -2.37 -9.46 -22.46
C ASP B 41 -3.27 -9.95 -21.34
N ALA B 42 -3.51 -9.08 -20.35
CA ALA B 42 -4.36 -9.44 -19.22
C ALA B 42 -5.77 -9.81 -19.67
N LEU B 43 -6.35 -8.98 -20.52
CA LEU B 43 -7.71 -9.25 -21.01
C LEU B 43 -7.76 -10.46 -21.93
N ALA B 44 -6.71 -10.68 -22.73
CA ALA B 44 -6.64 -11.82 -23.62
C ALA B 44 -6.69 -13.09 -22.78
N PHE B 45 -6.03 -13.06 -21.63
CA PHE B 45 -6.03 -14.19 -20.71
C PHE B 45 -7.38 -14.43 -20.08
N VAL B 46 -7.97 -13.38 -19.50
CA VAL B 46 -9.27 -13.48 -18.85
C VAL B 46 -10.36 -13.99 -19.80
N ASP B 47 -10.27 -13.65 -21.08
CA ASP B 47 -11.26 -14.12 -22.06
C ASP B 47 -11.26 -15.64 -22.23
N LYS B 48 -10.18 -16.31 -21.83
CA LYS B 48 -10.07 -17.76 -21.94
C LYS B 48 -10.60 -18.47 -20.71
N ILE B 49 -10.94 -17.71 -19.68
CA ILE B 49 -11.43 -18.26 -18.42
C ILE B 49 -12.91 -18.05 -18.10
N ASP B 50 -13.52 -19.10 -17.55
CA ASP B 50 -14.93 -19.10 -17.15
C ASP B 50 -14.97 -18.52 -15.74
N PRO B 51 -15.75 -17.44 -15.53
CA PRO B 51 -15.82 -16.83 -14.20
C PRO B 51 -16.41 -17.67 -13.08
N SER B 52 -16.97 -18.84 -13.38
CA SER B 52 -17.52 -19.69 -12.35
C SER B 52 -16.43 -20.65 -11.85
N THR B 53 -15.28 -20.68 -12.52
CA THR B 53 -14.18 -21.57 -12.16
C THR B 53 -13.08 -20.96 -11.27
N CYS B 54 -13.12 -19.65 -11.03
CA CYS B 54 -12.10 -19.01 -10.20
C CYS B 54 -12.44 -17.57 -9.94
N ARG B 55 -11.63 -16.93 -9.11
CA ARG B 55 -11.77 -15.51 -8.80
C ARG B 55 -10.45 -14.92 -9.30
N LEU B 56 -10.34 -13.59 -9.31
CA LEU B 56 -9.13 -12.93 -9.81
C LEU B 56 -8.52 -11.99 -8.80
N LYS B 57 -7.18 -11.85 -8.84
CA LYS B 57 -6.49 -10.96 -7.93
C LYS B 57 -5.82 -9.84 -8.73
N VAL B 58 -6.08 -8.61 -8.33
CA VAL B 58 -5.51 -7.42 -8.94
C VAL B 58 -4.64 -6.80 -7.85
N GLY B 59 -3.34 -6.73 -8.12
CA GLY B 59 -2.38 -6.19 -7.16
C GLY B 59 -1.89 -4.80 -7.48
N LYS B 60 -0.87 -4.37 -6.74
CA LYS B 60 -0.30 -3.04 -6.90
C LYS B 60 0.22 -2.71 -8.30
N GLU B 61 0.76 -3.69 -9.02
CA GLU B 61 1.27 -3.39 -10.34
C GLU B 61 0.13 -3.03 -11.30
N MET B 62 -0.84 -3.91 -11.45
CA MET B 62 -1.91 -3.59 -12.37
C MET B 62 -2.82 -2.46 -11.90
N PHE B 63 -3.01 -2.31 -10.60
CA PHE B 63 -3.89 -1.23 -10.16
C PHE B 63 -3.19 0.14 -10.36
N THR B 64 -1.88 0.21 -10.12
CA THR B 64 -1.15 1.48 -10.30
C THR B 64 -1.11 1.85 -11.79
N LEU B 65 -1.00 0.85 -12.66
CA LEU B 65 -0.97 1.08 -14.09
C LEU B 65 -2.33 1.35 -14.73
N PHE B 66 -3.34 0.59 -14.32
CA PHE B 66 -4.67 0.71 -14.94
C PHE B 66 -5.86 1.16 -14.11
N GLY B 67 -5.70 1.23 -12.80
CA GLY B 67 -6.75 1.69 -11.90
C GLY B 67 -8.05 0.93 -11.75
N PRO B 68 -9.06 1.58 -11.15
CA PRO B 68 -10.36 0.96 -10.92
C PRO B 68 -11.09 0.54 -12.20
N ASP B 69 -10.84 1.20 -13.33
CA ASP B 69 -11.50 0.82 -14.58
C ASP B 69 -11.14 -0.62 -14.97
N PHE B 70 -9.94 -1.07 -14.61
CA PHE B 70 -9.55 -2.44 -14.94
C PHE B 70 -10.37 -3.40 -14.08
N VAL B 71 -10.54 -3.05 -12.81
CA VAL B 71 -11.34 -3.87 -11.91
C VAL B 71 -12.78 -3.92 -12.46
N ARG B 72 -13.28 -2.79 -12.96
CA ARG B 72 -14.63 -2.76 -13.52
C ARG B 72 -14.76 -3.67 -14.75
N GLU B 73 -13.69 -3.75 -15.52
N GLU B 73 -13.71 -3.75 -15.58
CA GLU B 73 -13.64 -4.55 -16.73
CA GLU B 73 -13.75 -4.62 -16.77
C GLU B 73 -13.77 -6.04 -16.35
C GLU B 73 -13.85 -6.07 -16.31
N LEU B 74 -13.20 -6.40 -15.20
CA LEU B 74 -13.26 -7.77 -14.67
C LEU B 74 -14.67 -8.03 -14.15
N HIS B 75 -15.28 -7.05 -13.47
CA HIS B 75 -16.64 -7.26 -12.97
C HIS B 75 -17.63 -7.41 -14.12
N LYS B 76 -17.42 -6.65 -15.20
N LYS B 76 -17.45 -6.65 -15.21
CA LYS B 76 -18.29 -6.70 -16.37
CA LYS B 76 -18.34 -6.74 -16.36
C LYS B 76 -18.28 -8.11 -16.98
C LYS B 76 -18.30 -8.14 -16.96
N ARG B 77 -17.14 -8.78 -16.86
CA ARG B 77 -16.94 -10.14 -17.37
C ARG B 77 -17.46 -11.23 -16.42
N GLY B 78 -18.01 -10.83 -15.27
CA GLY B 78 -18.57 -11.77 -14.30
C GLY B 78 -17.65 -12.28 -13.20
N PHE B 79 -16.43 -11.78 -13.15
CA PHE B 79 -15.50 -12.24 -12.12
C PHE B 79 -15.53 -11.46 -10.82
N SER B 80 -15.25 -12.17 -9.73
N SER B 80 -15.26 -12.16 -9.72
CA SER B 80 -15.19 -11.56 -8.41
CA SER B 80 -15.22 -11.51 -8.42
C SER B 80 -13.71 -11.26 -8.24
C SER B 80 -13.73 -11.25 -8.25
N VAL B 81 -13.40 -10.14 -7.60
CA VAL B 81 -12.02 -9.74 -7.42
C VAL B 81 -11.51 -9.50 -6.02
N PHE B 82 -10.26 -9.90 -5.85
CA PHE B 82 -9.50 -9.71 -4.63
C PHE B 82 -8.55 -8.56 -4.98
N LEU B 83 -8.80 -7.40 -4.37
CA LEU B 83 -8.00 -6.20 -4.57
C LEU B 83 -6.90 -6.27 -3.51
N ASP B 84 -5.72 -6.66 -3.97
CA ASP B 84 -4.51 -6.86 -3.15
C ASP B 84 -3.63 -5.62 -3.13
N LEU B 85 -4.07 -4.57 -2.45
CA LEU B 85 -3.31 -3.33 -2.36
C LEU B 85 -2.62 -3.14 -1.01
N LYS B 86 -2.83 -4.07 -0.09
CA LYS B 86 -2.20 -4.05 1.23
C LYS B 86 -2.10 -2.64 1.83
N PHE B 87 -3.25 -2.00 1.99
CA PHE B 87 -3.28 -0.64 2.54
C PHE B 87 -2.59 -0.61 3.89
N HIS B 88 -1.83 0.44 4.12
CA HIS B 88 -1.08 0.59 5.37
C HIS B 88 -0.86 2.07 5.60
N ASP B 89 -1.73 2.66 6.42
CA ASP B 89 -1.63 4.08 6.66
C ASP B 89 -2.35 4.40 7.96
N ILE B 90 -2.50 5.68 8.27
CA ILE B 90 -3.20 6.07 9.50
C ILE B 90 -4.64 5.56 9.42
N PRO B 91 -5.29 5.35 10.57
CA PRO B 91 -6.66 4.82 10.52
C PRO B 91 -7.66 5.53 9.61
N ASN B 92 -7.69 6.86 9.65
CA ASN B 92 -8.63 7.59 8.82
C ASN B 92 -8.42 7.30 7.33
N THR B 93 -7.17 7.35 6.88
CA THR B 93 -6.83 7.11 5.48
C THR B 93 -7.04 5.67 5.03
N CYS B 94 -6.57 4.72 5.83
CA CYS B 94 -6.73 3.32 5.49
C CYS B 94 -8.22 2.99 5.37
N SER B 95 -9.02 3.47 6.32
CA SER B 95 -10.46 3.19 6.29
C SER B 95 -11.12 3.79 5.03
N LYS B 96 -10.72 4.99 4.64
N LYS B 96 -10.71 4.98 4.63
CA LYS B 96 -11.29 5.61 3.44
CA LYS B 96 -11.27 5.61 3.43
C LYS B 96 -10.88 4.84 2.17
C LYS B 96 -10.88 4.83 2.17
N ALA B 97 -9.68 4.25 2.18
CA ALA B 97 -9.21 3.46 1.03
C ALA B 97 -10.03 2.17 0.95
N VAL B 98 -10.31 1.57 2.11
CA VAL B 98 -11.10 0.36 2.20
C VAL B 98 -12.53 0.69 1.76
N LYS B 99 -13.03 1.87 2.16
CA LYS B 99 -14.38 2.29 1.76
C LYS B 99 -14.41 2.42 0.24
N ALA B 100 -13.33 2.98 -0.34
CA ALA B 100 -13.23 3.14 -1.79
C ALA B 100 -13.30 1.77 -2.47
N ALA B 101 -12.70 0.75 -1.85
CA ALA B 101 -12.73 -0.60 -2.40
C ALA B 101 -14.18 -1.12 -2.36
N ALA B 102 -14.92 -0.77 -1.31
CA ALA B 102 -16.32 -1.18 -1.17
C ALA B 102 -17.15 -0.50 -2.26
N GLU B 103 -16.84 0.77 -2.53
CA GLU B 103 -17.54 1.54 -3.57
C GLU B 103 -17.33 0.89 -4.94
N LEU B 104 -16.16 0.29 -5.13
CA LEU B 104 -15.82 -0.38 -6.37
C LEU B 104 -16.54 -1.75 -6.45
N GLY B 105 -17.03 -2.24 -5.32
CA GLY B 105 -17.74 -3.52 -5.25
C GLY B 105 -16.88 -4.77 -5.28
N VAL B 106 -15.64 -4.68 -4.81
CA VAL B 106 -14.76 -5.83 -4.83
C VAL B 106 -15.17 -6.86 -3.78
N TRP B 107 -14.80 -8.11 -4.07
CA TRP B 107 -15.12 -9.25 -3.20
C TRP B 107 -14.23 -9.34 -1.96
N MET B 108 -12.97 -8.93 -2.09
CA MET B 108 -12.01 -8.99 -0.99
C MET B 108 -10.98 -7.88 -1.12
N VAL B 109 -10.52 -7.34 0.01
CA VAL B 109 -9.51 -6.29 0.01
C VAL B 109 -8.64 -6.54 1.23
N ASN B 110 -7.35 -6.20 1.16
CA ASN B 110 -6.48 -6.42 2.30
C ASN B 110 -5.75 -5.18 2.83
N VAL B 111 -5.26 -5.32 4.05
CA VAL B 111 -4.52 -4.27 4.75
C VAL B 111 -3.41 -4.90 5.56
N HIS B 112 -2.37 -4.12 5.86
CA HIS B 112 -1.28 -4.63 6.68
C HIS B 112 -1.64 -4.64 8.14
N ALA B 113 -1.48 -5.80 8.78
CA ALA B 113 -1.73 -5.92 10.20
C ALA B 113 -0.73 -5.06 10.97
N SER B 114 0.44 -4.80 10.38
N SER B 114 0.45 -4.81 10.39
CA SER B 114 1.47 -3.96 11.01
CA SER B 114 1.46 -3.99 11.06
C SER B 114 1.00 -2.52 11.18
C SER B 114 1.01 -2.52 11.17
N GLY B 115 -0.11 -2.17 10.52
CA GLY B 115 -0.66 -0.83 10.61
C GLY B 115 -1.29 -0.64 11.99
N GLY B 116 -1.52 -1.74 12.70
CA GLY B 116 -2.08 -1.69 14.05
C GLY B 116 -3.55 -2.01 14.18
N GLU B 117 -3.93 -2.34 15.42
CA GLU B 117 -5.32 -2.71 15.73
C GLU B 117 -6.30 -1.59 15.41
N ARG B 118 -5.95 -0.36 15.79
CA ARG B 118 -6.81 0.81 15.53
C ARG B 118 -7.11 0.99 14.04
N MET B 119 -6.07 0.88 13.20
CA MET B 119 -6.21 1.04 11.76
C MET B 119 -7.14 -0.05 11.21
N MET B 120 -6.89 -1.29 11.61
CA MET B 120 -7.73 -2.41 11.17
C MET B 120 -9.17 -2.29 11.65
N ALA B 121 -9.37 -1.91 12.92
CA ALA B 121 -10.71 -1.77 13.47
C ALA B 121 -11.49 -0.69 12.72
N ALA B 122 -10.85 0.43 12.44
CA ALA B 122 -11.50 1.53 11.72
C ALA B 122 -11.94 1.06 10.33
N SER B 123 -11.09 0.25 9.68
CA SER B 123 -11.40 -0.27 8.35
C SER B 123 -12.62 -1.20 8.38
N ARG B 124 -12.70 -2.04 9.39
N ARG B 124 -12.77 -1.96 9.46
CA ARG B 124 -13.83 -2.97 9.50
CA ARG B 124 -13.90 -2.87 9.61
C ARG B 124 -15.12 -2.23 9.85
C ARG B 124 -15.16 -2.05 9.69
N GLU B 125 -14.99 -1.13 10.61
N GLU B 125 -15.18 -1.20 10.71
CA GLU B 125 -16.16 -0.35 11.00
CA GLU B 125 -16.30 -0.33 11.00
C GLU B 125 -16.79 0.40 9.83
C GLU B 125 -16.84 0.44 9.80
N ILE B 126 -15.95 0.97 8.97
CA ILE B 126 -16.42 1.74 7.82
C ILE B 126 -17.16 0.88 6.77
N LEU B 127 -16.95 -0.43 6.79
CA LEU B 127 -17.62 -1.34 5.86
C LEU B 127 -18.97 -1.86 6.35
N GLU B 128 -19.28 -1.65 7.62
CA GLU B 128 -20.54 -2.12 8.19
C GLU B 128 -21.76 -1.71 7.36
N PRO B 129 -21.87 -0.42 6.98
CA PRO B 129 -23.05 0.00 6.19
C PRO B 129 -23.20 -0.68 4.82
N TYR B 130 -22.17 -1.33 4.31
CA TYR B 130 -22.24 -2.02 3.01
C TYR B 130 -22.97 -3.37 3.08
N GLY B 131 -23.33 -3.80 4.28
CA GLY B 131 -24.06 -5.06 4.48
C GLY B 131 -23.37 -6.34 4.09
N LYS B 132 -24.18 -7.36 3.82
CA LYS B 132 -23.71 -8.69 3.45
C LYS B 132 -22.86 -8.73 2.17
N GLU B 133 -23.00 -7.72 1.33
CA GLU B 133 -22.23 -7.65 0.08
C GLU B 133 -20.87 -6.95 0.21
N ARG B 134 -20.54 -6.45 1.41
CA ARG B 134 -19.27 -5.76 1.62
C ARG B 134 -18.09 -6.65 1.27
N PRO B 135 -16.93 -6.04 1.00
CA PRO B 135 -15.79 -6.91 0.70
C PRO B 135 -15.30 -7.61 1.95
N LEU B 136 -14.68 -8.77 1.79
CA LEU B 136 -14.09 -9.48 2.91
C LEU B 136 -12.86 -8.64 3.19
N LEU B 137 -12.57 -8.39 4.46
CA LEU B 137 -11.41 -7.57 4.85
C LEU B 137 -10.38 -8.49 5.48
N ILE B 138 -9.24 -8.63 4.81
CA ILE B 138 -8.17 -9.51 5.22
C ILE B 138 -6.87 -8.82 5.60
N GLY B 139 -6.18 -9.37 6.60
CA GLY B 139 -4.92 -8.80 7.03
C GLY B 139 -3.69 -9.52 6.51
N VAL B 140 -2.63 -8.74 6.25
CA VAL B 140 -1.36 -9.27 5.79
C VAL B 140 -0.51 -9.27 7.05
N THR B 141 0.17 -10.39 7.34
CA THR B 141 0.99 -10.48 8.54
C THR B 141 2.45 -10.13 8.21
N VAL B 142 3.25 -11.16 7.94
CA VAL B 142 4.65 -10.97 7.59
C VAL B 142 4.83 -11.44 6.14
N LEU B 143 5.24 -10.52 5.27
CA LEU B 143 5.48 -10.84 3.86
C LEU B 143 6.44 -12.01 3.73
N THR B 144 6.22 -12.90 2.76
CA THR B 144 7.06 -14.08 2.57
C THR B 144 8.53 -13.78 2.24
N SER B 145 8.78 -12.56 1.81
CA SER B 145 10.10 -12.09 1.47
C SER B 145 10.92 -11.77 2.72
N MET B 146 10.27 -11.71 3.87
CA MET B 146 10.95 -11.37 5.12
C MET B 146 11.43 -12.56 5.95
N GLU B 147 12.74 -12.72 6.06
CA GLU B 147 13.35 -13.79 6.85
C GLU B 147 13.87 -13.06 8.09
N SER B 148 14.44 -13.79 9.03
CA SER B 148 14.95 -13.19 10.26
C SER B 148 15.83 -11.94 10.07
N ALA B 149 16.78 -11.99 9.15
CA ALA B 149 17.67 -10.84 8.91
C ALA B 149 16.90 -9.59 8.45
N ASP B 150 15.90 -9.81 7.61
CA ASP B 150 15.07 -8.73 7.10
C ASP B 150 14.27 -8.09 8.24
N LEU B 151 13.69 -8.94 9.11
CA LEU B 151 12.91 -8.46 10.26
C LEU B 151 13.78 -7.72 11.27
N GLN B 152 14.98 -8.24 11.53
CA GLN B 152 15.88 -7.58 12.48
C GLN B 152 16.21 -6.18 11.93
N GLY B 153 16.27 -6.07 10.61
CA GLY B 153 16.56 -4.79 9.96
C GLY B 153 15.47 -3.76 10.23
N ILE B 154 14.22 -4.22 10.34
CA ILE B 154 13.11 -3.31 10.60
C ILE B 154 12.72 -3.25 12.09
N GLY B 155 13.62 -3.68 12.97
CA GLY B 155 13.39 -3.64 14.41
C GLY B 155 12.60 -4.75 15.07
N ILE B 156 12.36 -5.84 14.34
CA ILE B 156 11.61 -6.98 14.87
C ILE B 156 12.59 -8.09 15.23
N LEU B 157 12.68 -8.41 16.52
CA LEU B 157 13.58 -9.45 17.00
C LEU B 157 12.92 -10.82 17.18
N SER B 158 11.59 -10.87 17.14
CA SER B 158 10.87 -12.12 17.27
C SER B 158 11.09 -13.02 16.06
N ALA B 159 10.96 -14.33 16.25
CA ALA B 159 11.12 -15.26 15.15
C ALA B 159 9.98 -14.94 14.19
N PRO B 160 10.20 -15.05 12.89
CA PRO B 160 9.12 -14.74 11.95
C PRO B 160 7.80 -15.44 12.23
N GLN B 161 7.87 -16.72 12.61
CA GLN B 161 6.66 -17.51 12.89
C GLN B 161 5.87 -16.94 14.07
N ASP B 162 6.56 -16.47 15.09
CA ASP B 162 5.90 -15.89 16.27
C ASP B 162 5.28 -14.54 15.92
N HIS B 163 5.97 -13.78 15.08
CA HIS B 163 5.48 -12.47 14.66
C HIS B 163 4.20 -12.66 13.82
N VAL B 164 4.18 -13.70 13.01
CA VAL B 164 3.00 -14.00 12.19
C VAL B 164 1.81 -14.29 13.11
N LEU B 165 2.02 -15.10 14.15
CA LEU B 165 0.93 -15.40 15.07
C LEU B 165 0.46 -14.14 15.78
N ARG B 166 1.41 -13.28 16.17
N ARG B 166 1.39 -13.27 16.18
CA ARG B 166 1.09 -12.02 16.84
CA ARG B 166 1.03 -12.03 16.86
C ARG B 166 0.18 -11.15 15.97
C ARG B 166 0.15 -11.16 15.96
N LEU B 167 0.58 -10.95 14.72
CA LEU B 167 -0.18 -10.13 13.77
C LEU B 167 -1.52 -10.75 13.35
N ALA B 168 -1.57 -12.07 13.19
CA ALA B 168 -2.82 -12.74 12.81
C ALA B 168 -3.82 -12.60 13.96
N THR B 169 -3.32 -12.72 15.20
CA THR B 169 -4.17 -12.59 16.37
C THR B 169 -4.70 -11.16 16.48
N LEU B 170 -3.85 -10.19 16.19
CA LEU B 170 -4.23 -8.78 16.25
C LEU B 170 -5.34 -8.52 15.22
N THR B 171 -5.20 -9.16 14.06
CA THR B 171 -6.18 -9.03 12.99
C THR B 171 -7.53 -9.59 13.42
N LYS B 172 -7.53 -10.77 14.02
CA LYS B 172 -8.79 -11.37 14.47
C LYS B 172 -9.43 -10.49 15.56
N ASN B 173 -8.60 -9.99 16.48
CA ASN B 173 -9.08 -9.14 17.57
C ASN B 173 -9.63 -7.78 17.11
N ALA B 174 -9.22 -7.34 15.93
CA ALA B 174 -9.67 -6.09 15.35
C ALA B 174 -11.01 -6.32 14.63
N GLY B 175 -11.43 -7.57 14.55
CA GLY B 175 -12.69 -7.92 13.91
C GLY B 175 -12.64 -8.22 12.42
N LEU B 176 -11.44 -8.43 11.88
CA LEU B 176 -11.30 -8.77 10.46
C LEU B 176 -11.71 -10.20 10.14
N ASP B 177 -11.92 -10.46 8.86
CA ASP B 177 -12.38 -11.74 8.35
C ASP B 177 -11.35 -12.86 8.21
N GLY B 178 -10.07 -12.51 8.15
CA GLY B 178 -9.03 -13.51 8.01
C GLY B 178 -7.69 -12.87 7.68
N VAL B 179 -6.75 -13.70 7.25
CA VAL B 179 -5.43 -13.22 6.89
C VAL B 179 -4.86 -13.96 5.72
N VAL B 180 -3.84 -13.36 5.12
CA VAL B 180 -3.12 -13.98 4.03
C VAL B 180 -2.04 -14.77 4.79
N CYS B 181 -1.78 -16.03 4.42
CA CYS B 181 -0.74 -16.82 5.10
C CYS B 181 -0.16 -17.85 4.15
N SER B 182 1.02 -18.37 4.49
CA SER B 182 1.65 -19.38 3.66
C SER B 182 1.00 -20.72 3.98
N ALA B 183 1.21 -21.69 3.10
CA ALA B 183 0.65 -23.01 3.30
C ALA B 183 1.21 -23.64 4.59
N GLN B 184 2.47 -23.34 4.90
N GLN B 184 2.47 -23.37 4.91
CA GLN B 184 3.12 -23.86 6.08
CA GLN B 184 3.06 -23.94 6.12
C GLN B 184 2.54 -23.30 7.40
C GLN B 184 2.51 -23.32 7.41
N GLU B 185 2.03 -22.08 7.32
CA GLU B 185 1.46 -21.38 8.48
C GLU B 185 -0.02 -21.71 8.72
N ALA B 186 -0.70 -22.13 7.66
CA ALA B 186 -2.14 -22.41 7.69
C ALA B 186 -2.73 -23.24 8.82
N SER B 187 -2.24 -24.45 9.02
CA SER B 187 -2.79 -25.31 10.08
C SER B 187 -2.68 -24.70 11.47
N LEU B 188 -1.53 -24.11 11.79
N LEU B 188 -1.53 -24.11 11.77
CA LEU B 188 -1.34 -23.52 13.09
CA LEU B 188 -1.29 -23.47 13.05
C LEU B 188 -2.29 -22.34 13.29
C LEU B 188 -2.26 -22.32 13.28
N LEU B 189 -2.45 -21.50 12.26
CA LEU B 189 -3.37 -20.36 12.37
C LEU B 189 -4.82 -20.83 12.60
N LYS B 190 -5.21 -21.84 11.82
N LYS B 190 -5.25 -21.90 11.92
CA LYS B 190 -6.55 -22.41 11.89
CA LYS B 190 -6.62 -22.40 12.15
C LYS B 190 -6.80 -22.98 13.29
C LYS B 190 -6.73 -22.89 13.59
N GLN B 191 -5.77 -23.53 13.92
N GLN B 191 -5.72 -23.63 14.04
CA GLN B 191 -5.89 -24.11 15.27
CA GLN B 191 -5.70 -24.18 15.39
C GLN B 191 -6.08 -23.01 16.32
C GLN B 191 -5.95 -23.09 16.42
N HIS B 192 -5.25 -21.97 16.27
CA HIS B 192 -5.35 -20.85 17.21
C HIS B 192 -6.47 -19.85 16.97
N LEU B 193 -6.81 -19.59 15.72
CA LEU B 193 -7.83 -18.59 15.42
C LEU B 193 -9.21 -19.08 15.02
N GLY B 194 -9.37 -20.38 14.78
CA GLY B 194 -10.67 -20.93 14.42
C GLY B 194 -10.99 -21.15 12.95
N ARG B 195 -11.93 -22.05 12.74
CA ARG B 195 -12.42 -22.46 11.43
C ARG B 195 -13.04 -21.32 10.61
N GLU B 196 -13.71 -20.39 11.26
CA GLU B 196 -14.35 -19.26 10.60
C GLU B 196 -13.39 -18.16 10.13
N PHE B 197 -12.21 -18.06 10.73
CA PHE B 197 -11.24 -17.03 10.34
C PHE B 197 -10.60 -17.52 9.03
N LYS B 198 -10.84 -16.79 7.95
CA LYS B 198 -10.36 -17.17 6.63
C LYS B 198 -8.87 -17.05 6.35
N LEU B 199 -8.31 -18.04 5.65
CA LEU B 199 -6.90 -18.06 5.30
C LEU B 199 -6.77 -18.05 3.77
N VAL B 200 -6.07 -17.03 3.26
CA VAL B 200 -5.84 -16.84 1.82
C VAL B 200 -4.37 -17.17 1.63
N THR B 201 -4.10 -18.16 0.81
CA THR B 201 -2.73 -18.63 0.62
C THR B 201 -2.07 -18.65 -0.75
N PRO B 202 -1.02 -17.83 -0.93
CA PRO B 202 -0.28 -17.80 -2.18
C PRO B 202 0.93 -18.72 -2.01
N GLY B 203 1.65 -18.99 -3.08
CA GLY B 203 2.85 -19.85 -3.05
C GLY B 203 2.47 -21.31 -3.11
N ILE B 204 1.68 -21.65 -4.12
CA ILE B 204 1.18 -23.00 -4.34
C ILE B 204 1.55 -23.49 -5.73
N ARG B 205 1.92 -24.77 -5.83
CA ARG B 205 2.29 -25.37 -7.12
C ARG B 205 1.73 -26.77 -7.31
N PRO B 206 1.11 -27.03 -8.47
CA PRO B 206 0.59 -28.38 -8.71
C PRO B 206 1.73 -29.41 -8.65
N ALA B 207 1.43 -30.63 -8.19
CA ALA B 207 2.44 -31.70 -8.08
C ALA B 207 3.27 -31.74 -9.36
N GLY B 208 4.59 -31.59 -9.21
CA GLY B 208 5.52 -31.59 -10.33
C GLY B 208 5.89 -30.14 -10.54
N SER B 209 6.29 -29.79 -11.77
CA SER B 209 6.68 -28.41 -12.09
C SER B 209 7.63 -27.83 -11.05
N GLN B 214 8.94 -29.85 -6.89
CA GLN B 214 9.58 -29.53 -5.62
C GLN B 214 8.63 -29.90 -4.48
N ARG B 215 9.04 -30.89 -3.68
CA ARG B 215 8.23 -31.37 -2.56
C ARG B 215 8.13 -30.38 -1.39
N ARG B 216 9.00 -29.37 -1.35
CA ARG B 216 8.99 -28.35 -0.29
C ARG B 216 7.89 -27.30 -0.51
N ILE B 217 7.38 -27.21 -1.74
CA ILE B 217 6.31 -26.27 -2.07
C ILE B 217 5.03 -27.09 -2.04
N MET B 218 4.05 -26.70 -1.23
N MET B 218 4.06 -26.66 -1.24
CA MET B 218 2.80 -27.46 -1.17
CA MET B 218 2.80 -27.38 -1.12
C MET B 218 1.98 -27.34 -2.43
C MET B 218 1.88 -27.28 -2.34
N THR B 219 1.18 -28.37 -2.64
CA THR B 219 0.28 -28.47 -3.77
C THR B 219 -1.06 -27.90 -3.33
N PRO B 220 -1.97 -27.65 -4.30
CA PRO B 220 -3.27 -27.13 -3.90
C PRO B 220 -3.96 -28.04 -2.88
N ALA B 221 -3.97 -29.35 -3.13
CA ALA B 221 -4.61 -30.30 -2.21
C ALA B 221 -3.97 -30.26 -0.81
N GLN B 222 -2.64 -30.16 -0.76
CA GLN B 222 -1.96 -30.10 0.53
C GLN B 222 -2.31 -28.84 1.33
N ALA B 223 -2.49 -27.72 0.64
CA ALA B 223 -2.82 -26.45 1.29
C ALA B 223 -4.26 -26.46 1.78
N ILE B 224 -5.19 -26.91 0.94
CA ILE B 224 -6.60 -26.98 1.34
C ILE B 224 -6.73 -27.90 2.57
N ALA B 225 -6.04 -29.03 2.52
CA ALA B 225 -6.07 -29.98 3.64
C ALA B 225 -5.54 -29.32 4.91
N SER B 226 -4.56 -28.42 4.77
CA SER B 226 -3.96 -27.73 5.90
C SER B 226 -4.87 -26.66 6.50
N GLY B 227 -5.89 -26.23 5.77
CA GLY B 227 -6.81 -25.20 6.27
C GLY B 227 -6.94 -23.95 5.40
N SER B 228 -6.19 -23.87 4.31
CA SER B 228 -6.31 -22.71 3.43
C SER B 228 -7.72 -22.69 2.88
N ASP B 229 -8.36 -21.52 2.91
CA ASP B 229 -9.72 -21.35 2.40
C ASP B 229 -9.72 -20.96 0.93
N TYR B 230 -8.67 -20.23 0.53
CA TYR B 230 -8.49 -19.79 -0.84
C TYR B 230 -7.03 -19.94 -1.23
N LEU B 231 -6.81 -20.27 -2.50
CA LEU B 231 -5.47 -20.44 -3.03
C LEU B 231 -5.19 -19.36 -4.07
N VAL B 232 -4.09 -18.63 -3.89
CA VAL B 232 -3.72 -17.59 -4.84
C VAL B 232 -2.66 -18.23 -5.74
N ILE B 233 -3.01 -18.40 -7.02
CA ILE B 233 -2.11 -19.03 -7.99
C ILE B 233 -1.98 -18.13 -9.21
N GLY B 234 -0.75 -17.86 -9.61
CA GLY B 234 -0.50 -17.02 -10.76
C GLY B 234 0.09 -17.74 -11.95
N ARG B 235 1.41 -17.70 -12.03
CA ARG B 235 2.19 -18.30 -13.12
C ARG B 235 1.85 -19.71 -13.62
N PRO B 236 1.57 -20.65 -12.71
CA PRO B 236 1.23 -21.98 -13.21
C PRO B 236 0.04 -21.96 -14.18
N ILE B 237 -0.85 -20.99 -13.99
CA ILE B 237 -2.04 -20.83 -14.82
C ILE B 237 -1.84 -19.79 -15.94
N THR B 238 -1.36 -18.60 -15.58
CA THR B 238 -1.16 -17.53 -16.57
C THR B 238 -0.09 -17.80 -17.61
N GLN B 239 0.91 -18.63 -17.29
CA GLN B 239 1.97 -18.96 -18.24
C GLN B 239 1.73 -20.28 -18.98
N ALA B 240 0.59 -20.92 -18.69
CA ALA B 240 0.23 -22.20 -19.32
C ALA B 240 -0.29 -22.02 -20.74
N ALA B 241 -0.02 -23.00 -21.60
CA ALA B 241 -0.47 -22.98 -22.98
C ALA B 241 -2.00 -23.01 -23.02
N HIS B 242 -2.58 -23.79 -22.11
CA HIS B 242 -4.02 -23.93 -21.99
C HIS B 242 -4.40 -23.73 -20.53
N PRO B 243 -4.59 -22.46 -20.13
CA PRO B 243 -4.92 -22.14 -18.74
C PRO B 243 -6.24 -22.72 -18.23
N GLU B 244 -7.22 -22.89 -19.10
CA GLU B 244 -8.50 -23.45 -18.66
C GLU B 244 -8.32 -24.91 -18.24
N VAL B 245 -7.38 -25.60 -18.87
CA VAL B 245 -7.09 -27.00 -18.55
C VAL B 245 -6.41 -27.10 -17.20
N VAL B 246 -5.42 -26.23 -16.96
CA VAL B 246 -4.69 -26.22 -15.69
C VAL B 246 -5.64 -25.94 -14.53
N LEU B 247 -6.54 -24.96 -14.69
N LEU B 247 -6.53 -24.98 -14.71
CA LEU B 247 -7.50 -24.63 -13.63
CA LEU B 247 -7.49 -24.60 -13.67
C LEU B 247 -8.44 -25.79 -13.35
C LEU B 247 -8.46 -25.74 -13.38
N GLU B 248 -8.87 -26.48 -14.42
CA GLU B 248 -9.78 -27.60 -14.28
C GLU B 248 -9.07 -28.70 -13.50
N GLU B 249 -7.80 -28.94 -13.82
CA GLU B 249 -7.01 -29.96 -13.12
C GLU B 249 -6.86 -29.61 -11.65
N ILE B 250 -6.60 -28.33 -11.36
CA ILE B 250 -6.45 -27.88 -9.98
C ILE B 250 -7.79 -28.06 -9.25
N ASN B 251 -8.86 -27.54 -9.82
CA ASN B 251 -10.18 -27.68 -9.21
C ASN B 251 -10.57 -29.14 -8.98
N SER B 252 -10.31 -30.00 -9.97
CA SER B 252 -10.63 -31.42 -9.85
C SER B 252 -9.81 -32.12 -8.76
N SER B 253 -8.58 -31.66 -8.52
CA SER B 253 -7.72 -32.27 -7.50
C SER B 253 -8.21 -31.96 -6.09
N LEU B 254 -9.09 -30.98 -5.96
CA LEU B 254 -9.63 -30.60 -4.66
C LEU B 254 -10.96 -31.29 -4.40
#